data_5V11
#
_entry.id   5V11
#
_entity_poly.entity_id   1
_entity_poly.type   'polypeptide(L)'
_entity_poly.pdbx_seq_one_letter_code
;GFCWYVCARRNGARVCYRRCN
;
_entity_poly.pdbx_strand_id   A
#
# COMPACT_ATOMS: atom_id res chain seq x y z
N GLY A 1 16.70 1.32 -4.86
CA GLY A 1 16.64 1.73 -3.48
C GLY A 1 15.58 2.80 -3.24
N PHE A 2 14.32 2.39 -3.30
CA PHE A 2 13.21 3.31 -3.08
C PHE A 2 11.96 2.56 -2.63
N CYS A 3 11.26 3.13 -1.65
CA CYS A 3 10.05 2.52 -1.13
C CYS A 3 8.95 3.57 -0.94
N TRP A 4 7.70 3.11 -0.92
CA TRP A 4 6.57 4.00 -0.75
C TRP A 4 5.35 3.24 -0.23
N TYR A 5 4.37 3.98 0.28
CA TYR A 5 3.15 3.38 0.81
C TYR A 5 1.98 3.58 -0.14
N VAL A 6 1.21 2.51 -0.35
CA VAL A 6 0.05 2.57 -1.24
C VAL A 6 -1.21 2.09 -0.54
N CYS A 7 -2.31 2.82 -0.72
CA CYS A 7 -3.58 2.47 -0.10
C CYS A 7 -4.53 1.87 -1.13
N ALA A 8 -5.22 0.79 -0.73
CA ALA A 8 -6.17 0.13 -1.61
C ALA A 8 -7.47 -0.16 -0.90
N ARG A 9 -8.54 -0.36 -1.67
CA ARG A 9 -9.86 -0.64 -1.11
C ARG A 9 -10.25 -2.10 -1.33
N ARG A 10 -10.02 -2.94 -0.34
CA ARG A 10 -10.34 -4.35 -0.44
C ARG A 10 -11.47 -4.72 0.53
N ASN A 11 -12.53 -5.32 -0.02
CA ASN A 11 -13.67 -5.73 0.79
C ASN A 11 -14.19 -4.56 1.62
N GLY A 12 -14.16 -3.36 1.03
CA GLY A 12 -14.63 -2.17 1.73
C GLY A 12 -13.72 -1.78 2.87
N ALA A 13 -12.44 -2.13 2.76
CA ALA A 13 -11.46 -1.80 3.79
C ALA A 13 -10.23 -1.15 3.18
N ARG A 14 -9.82 -0.02 3.75
CA ARG A 14 -8.65 0.71 3.27
C ARG A 14 -7.36 0.09 3.82
N VAL A 15 -6.63 -0.60 2.96
CA VAL A 15 -5.37 -1.24 3.36
C VAL A 15 -4.17 -0.46 2.83
N CYS A 16 -3.30 -0.04 3.74
CA CYS A 16 -2.10 0.71 3.38
C CYS A 16 -0.85 0.03 3.91
N TYR A 17 0.21 0.01 3.11
CA TYR A 17 1.47 -0.60 3.50
C TYR A 17 2.62 -0.10 2.64
N ARG A 18 3.81 -0.09 3.20
CA ARG A 18 5.00 0.37 2.48
C ARG A 18 5.72 -0.81 1.81
N ARG A 19 6.11 -0.61 0.57
CA ARG A 19 6.82 -1.66 -0.18
C ARG A 19 7.97 -1.07 -0.98
N CYS A 20 8.82 -1.94 -1.53
CA CYS A 20 9.96 -1.51 -2.31
C CYS A 20 10.03 -2.25 -3.64
N ASN A 21 10.40 -1.54 -4.69
CA ASN A 21 10.50 -2.13 -6.02
C ASN A 21 11.75 -3.00 -6.14
N GLY A 1 17.48 1.75 -2.94
CA GLY A 1 16.32 1.06 -2.42
C GLY A 1 15.14 1.98 -2.17
N PHE A 2 14.53 2.46 -3.25
CA PHE A 2 13.39 3.36 -3.15
C PHE A 2 12.14 2.61 -2.68
N CYS A 3 11.48 3.16 -1.68
CA CYS A 3 10.27 2.54 -1.14
C CYS A 3 9.17 3.58 -0.95
N TRP A 4 7.92 3.12 -0.93
CA TRP A 4 6.78 4.01 -0.75
C TRP A 4 5.57 3.25 -0.23
N TYR A 5 4.59 3.98 0.28
CA TYR A 5 3.37 3.36 0.82
C TYR A 5 2.20 3.58 -0.13
N VAL A 6 1.43 2.50 -0.36
CA VAL A 6 0.28 2.57 -1.23
C VAL A 6 -0.98 2.08 -0.52
N CYS A 7 -2.07 2.82 -0.69
CA CYS A 7 -3.34 2.47 -0.08
C CYS A 7 -4.31 1.89 -1.10
N ALA A 8 -4.99 0.82 -0.72
CA ALA A 8 -5.95 0.16 -1.60
C ALA A 8 -7.24 -0.17 -0.86
N ARG A 9 -8.32 -0.35 -1.62
CA ARG A 9 -9.62 -0.67 -1.03
C ARG A 9 -10.00 -2.12 -1.32
N ARG A 10 -10.04 -2.94 -0.27
CA ARG A 10 -10.39 -4.35 -0.41
C ARG A 10 -11.53 -4.72 0.54
N ASN A 11 -12.62 -5.21 -0.03
CA ASN A 11 -13.78 -5.60 0.77
C ASN A 11 -14.26 -4.45 1.65
N GLY A 12 -14.17 -3.24 1.12
CA GLY A 12 -14.59 -2.07 1.87
C GLY A 12 -13.63 -1.71 2.99
N ALA A 13 -12.36 -2.08 2.82
CA ALA A 13 -11.34 -1.80 3.82
C ALA A 13 -10.11 -1.17 3.18
N ARG A 14 -9.61 -0.10 3.80
CA ARG A 14 -8.44 0.60 3.31
C ARG A 14 -7.16 -0.02 3.85
N VAL A 15 -6.38 -0.64 2.97
CA VAL A 15 -5.12 -1.27 3.37
C VAL A 15 -3.93 -0.48 2.86
N CYS A 16 -3.06 -0.07 3.77
CA CYS A 16 -1.87 0.69 3.40
C CYS A 16 -0.60 0.02 3.94
N TYR A 17 0.44 0.00 3.12
CA TYR A 17 1.71 -0.61 3.51
C TYR A 17 2.85 -0.11 2.64
N ARG A 18 4.06 -0.10 3.20
CA ARG A 18 5.23 0.37 2.47
C ARG A 18 5.96 -0.81 1.81
N ARG A 19 6.36 -0.61 0.55
CA ARG A 19 7.05 -1.65 -0.19
C ARG A 19 8.21 -1.06 -0.99
N CYS A 20 9.05 -1.93 -1.54
CA CYS A 20 10.20 -1.49 -2.33
C CYS A 20 10.25 -2.23 -3.66
N ASN A 21 10.62 -1.51 -4.71
CA ASN A 21 10.71 -2.10 -6.05
C ASN A 21 11.98 -2.95 -6.18
N GLY A 1 17.81 1.63 -2.08
CA GLY A 1 16.53 1.22 -2.62
C GLY A 1 15.42 2.19 -2.27
N PHE A 2 14.52 2.43 -3.24
CA PHE A 2 13.41 3.34 -3.03
C PHE A 2 12.16 2.59 -2.61
N CYS A 3 11.47 3.11 -1.60
CA CYS A 3 10.25 2.48 -1.10
C CYS A 3 9.16 3.52 -0.88
N TRP A 4 7.90 3.07 -0.89
CA TRP A 4 6.77 3.96 -0.69
C TRP A 4 5.55 3.19 -0.21
N TYR A 5 4.56 3.92 0.32
CA TYR A 5 3.34 3.29 0.83
C TYR A 5 2.18 3.55 -0.13
N VAL A 6 1.40 2.50 -0.39
CA VAL A 6 0.25 2.61 -1.28
C VAL A 6 -1.01 2.11 -0.60
N CYS A 7 -2.10 2.86 -0.76
CA CYS A 7 -3.38 2.48 -0.16
C CYS A 7 -4.33 1.94 -1.22
N ALA A 8 -5.03 0.86 -0.88
CA ALA A 8 -5.98 0.24 -1.80
C ALA A 8 -7.30 -0.07 -1.10
N ARG A 9 -8.36 -0.23 -1.88
CA ARG A 9 -9.68 -0.52 -1.33
C ARG A 9 -10.08 -1.96 -1.64
N ARG A 10 -9.88 -2.85 -0.68
CA ARG A 10 -10.22 -4.25 -0.85
C ARG A 10 -11.34 -4.66 0.10
N ASN A 11 -12.41 -5.23 -0.46
CA ASN A 11 -13.56 -5.67 0.34
C ASN A 11 -14.06 -4.53 1.21
N GLY A 12 -14.02 -3.31 0.69
CA GLY A 12 -14.49 -2.15 1.43
C GLY A 12 -13.57 -1.81 2.59
N ALA A 13 -12.29 -2.17 2.47
CA ALA A 13 -11.32 -1.90 3.51
C ALA A 13 -10.07 -1.24 2.94
N ARG A 14 -9.66 -0.13 3.56
CA ARG A 14 -8.48 0.60 3.11
C ARG A 14 -7.20 -0.05 3.64
N VAL A 15 -6.46 -0.70 2.75
CA VAL A 15 -5.22 -1.36 3.13
C VAL A 15 -4.01 -0.57 2.64
N CYS A 16 -3.14 -0.21 3.58
CA CYS A 16 -1.95 0.55 3.25
C CYS A 16 -0.70 -0.15 3.76
N TYR A 17 0.37 -0.14 2.96
CA TYR A 17 1.62 -0.79 3.33
C TYR A 17 2.78 -0.25 2.49
N ARG A 18 3.98 -0.27 3.06
CA ARG A 18 5.16 0.21 2.37
C ARG A 18 5.87 -0.94 1.66
N ARG A 19 6.29 -0.70 0.42
CA ARG A 19 6.98 -1.71 -0.36
C ARG A 19 8.14 -1.10 -1.13
N CYS A 20 8.99 -1.96 -1.70
CA CYS A 20 10.15 -1.50 -2.47
C CYS A 20 10.21 -2.18 -3.83
N ASN A 21 10.59 -1.43 -4.85
CA ASN A 21 10.69 -1.96 -6.20
C ASN A 21 11.95 -2.82 -6.36
N GLY A 1 17.50 1.16 -2.69
CA GLY A 1 16.18 0.78 -3.13
C GLY A 1 15.11 1.72 -2.61
N PHE A 2 14.46 2.43 -3.52
CA PHE A 2 13.40 3.38 -3.14
C PHE A 2 12.14 2.63 -2.71
N CYS A 3 11.50 3.13 -1.66
CA CYS A 3 10.29 2.52 -1.14
C CYS A 3 9.21 3.57 -0.91
N TRP A 4 7.96 3.13 -0.90
CA TRP A 4 6.82 4.02 -0.70
C TRP A 4 5.60 3.26 -0.19
N TYR A 5 4.64 3.99 0.35
CA TYR A 5 3.42 3.39 0.88
C TYR A 5 2.24 3.63 -0.06
N VAL A 6 1.46 2.58 -0.30
CA VAL A 6 0.30 2.68 -1.18
C VAL A 6 -0.96 2.20 -0.47
N CYS A 7 -2.05 2.95 -0.63
CA CYS A 7 -3.31 2.59 -0.01
C CYS A 7 -4.30 2.04 -1.04
N ALA A 8 -4.99 0.97 -0.68
CA ALA A 8 -5.96 0.35 -1.58
C ALA A 8 -7.25 0.02 -0.84
N ARG A 9 -8.33 -0.13 -1.59
CA ARG A 9 -9.64 -0.44 -1.02
C ARG A 9 -10.03 -1.89 -1.32
N ARG A 10 -10.03 -2.73 -0.29
CA ARG A 10 -10.39 -4.13 -0.44
C ARG A 10 -11.51 -4.51 0.52
N ASN A 11 -12.61 -5.02 -0.03
CA ASN A 11 -13.75 -5.42 0.78
C ASN A 11 -14.23 -4.27 1.66
N GLY A 12 -14.15 -3.06 1.13
CA GLY A 12 -14.57 -1.89 1.89
C GLY A 12 -13.61 -1.53 3.00
N ALA A 13 -12.35 -1.90 2.82
CA ALA A 13 -11.33 -1.63 3.83
C ALA A 13 -10.10 -0.98 3.20
N ARG A 14 -9.56 0.04 3.86
CA ARG A 14 -8.39 0.74 3.36
C ARG A 14 -7.10 0.10 3.89
N VAL A 15 -6.37 -0.55 2.99
CA VAL A 15 -5.13 -1.21 3.36
C VAL A 15 -3.92 -0.43 2.85
N CYS A 16 -3.04 -0.05 3.77
CA CYS A 16 -1.84 0.70 3.42
C CYS A 16 -0.59 -0.01 3.93
N TYR A 17 0.46 -0.01 3.10
CA TYR A 17 1.71 -0.65 3.46
C TYR A 17 2.86 -0.14 2.60
N ARG A 18 4.07 -0.16 3.15
CA ARG A 18 5.25 0.31 2.43
C ARG A 18 5.95 -0.85 1.73
N ARG A 19 6.34 -0.63 0.48
CA ARG A 19 7.02 -1.65 -0.30
C ARG A 19 8.18 -1.05 -1.10
N CYS A 20 9.01 -1.92 -1.66
CA CYS A 20 10.15 -1.48 -2.45
C CYS A 20 10.20 -2.17 -3.81
N ASN A 21 10.59 -1.43 -4.84
CA ASN A 21 10.66 -1.98 -6.19
C ASN A 21 11.90 -2.86 -6.34
N GLY A 1 18.07 1.89 -2.34
CA GLY A 1 16.84 1.61 -3.06
C GLY A 1 15.77 2.65 -2.81
N PHE A 2 14.55 2.36 -3.21
CA PHE A 2 13.43 3.28 -3.03
C PHE A 2 12.17 2.54 -2.63
N CYS A 3 11.50 3.02 -1.58
CA CYS A 3 10.28 2.41 -1.09
C CYS A 3 9.20 3.46 -0.85
N TRP A 4 7.95 3.03 -0.87
CA TRP A 4 6.82 3.93 -0.65
C TRP A 4 5.59 3.16 -0.18
N TYR A 5 4.62 3.89 0.36
CA TYR A 5 3.39 3.28 0.86
C TYR A 5 2.22 3.56 -0.08
N VAL A 6 1.43 2.53 -0.36
CA VAL A 6 0.28 2.67 -1.25
C VAL A 6 -0.99 2.16 -0.57
N CYS A 7 -2.07 2.92 -0.72
CA CYS A 7 -3.35 2.55 -0.13
C CYS A 7 -4.31 2.03 -1.19
N ALA A 8 -5.02 0.96 -0.87
CA ALA A 8 -5.98 0.35 -1.79
C ALA A 8 -7.29 0.04 -1.08
N ARG A 9 -8.36 -0.09 -1.87
CA ARG A 9 -9.67 -0.39 -1.32
C ARG A 9 -10.08 -1.82 -1.65
N ARG A 10 -9.87 -2.73 -0.71
CA ARG A 10 -10.23 -4.14 -0.91
C ARG A 10 -11.38 -4.53 0.01
N ASN A 11 -12.45 -5.05 -0.59
CA ASN A 11 -13.62 -5.48 0.16
C ASN A 11 -14.12 -4.35 1.07
N GLY A 12 -14.05 -3.11 0.56
CA GLY A 12 -14.50 -1.98 1.33
C GLY A 12 -13.59 -1.66 2.50
N ALA A 13 -12.32 -2.03 2.37
CA ALA A 13 -11.34 -1.79 3.43
C ALA A 13 -10.09 -1.13 2.88
N ARG A 14 -9.66 -0.05 3.53
CA ARG A 14 -8.47 0.68 3.10
C ARG A 14 -7.20 0.01 3.63
N VAL A 15 -6.46 -0.63 2.73
CA VAL A 15 -5.23 -1.31 3.11
C VAL A 15 -4.00 -0.52 2.63
N CYS A 16 -3.14 -0.17 3.57
CA CYS A 16 -1.92 0.58 3.25
C CYS A 16 -0.68 -0.15 3.75
N TYR A 17 0.38 -0.15 2.94
CA TYR A 17 1.62 -0.81 3.31
C TYR A 17 2.79 -0.28 2.48
N ARG A 18 3.99 -0.33 3.04
CA ARG A 18 5.18 0.15 2.35
C ARG A 18 5.87 -0.99 1.63
N ARG A 19 6.29 -0.75 0.39
CA ARG A 19 6.97 -1.75 -0.40
C ARG A 19 8.14 -1.15 -1.17
N CYS A 20 8.97 -2.00 -1.75
CA CYS A 20 10.13 -1.54 -2.51
C CYS A 20 10.18 -2.21 -3.89
N ASN A 21 10.59 -1.45 -4.89
CA ASN A 21 10.68 -1.96 -6.25
C ASN A 21 11.91 -2.85 -6.42
N GLY A 1 17.45 1.63 -3.58
CA GLY A 1 16.58 1.25 -2.49
C GLY A 1 15.47 2.26 -2.25
N PHE A 2 14.53 2.33 -3.18
CA PHE A 2 13.42 3.26 -3.07
C PHE A 2 12.15 2.54 -2.64
N CYS A 3 11.52 3.04 -1.59
CA CYS A 3 10.29 2.45 -1.07
C CYS A 3 9.20 3.50 -0.89
N TRP A 4 7.95 3.06 -0.90
CA TRP A 4 6.81 3.97 -0.74
C TRP A 4 5.58 3.21 -0.24
N TYR A 5 4.60 3.96 0.26
CA TYR A 5 3.38 3.37 0.78
C TYR A 5 2.21 3.59 -0.19
N VAL A 6 1.43 2.54 -0.41
CA VAL A 6 0.28 2.63 -1.31
C VAL A 6 -0.99 2.16 -0.63
N CYS A 7 -2.07 2.89 -0.83
CA CYS A 7 -3.35 2.55 -0.23
C CYS A 7 -4.31 1.97 -1.27
N ALA A 8 -5.01 0.91 -0.89
CA ALA A 8 -5.96 0.26 -1.80
C ALA A 8 -7.29 -0.01 -1.10
N ARG A 9 -8.34 -0.18 -1.89
CA ARG A 9 -9.66 -0.45 -1.34
C ARG A 9 -10.07 -1.90 -1.61
N ARG A 10 -9.90 -2.75 -0.60
CA ARG A 10 -10.25 -4.16 -0.73
C ARG A 10 -11.39 -4.52 0.23
N ASN A 11 -12.44 -5.13 -0.31
CA ASN A 11 -13.59 -5.51 0.50
C ASN A 11 -14.10 -4.35 1.32
N GLY A 12 -14.05 -3.14 0.75
CA GLY A 12 -14.52 -1.96 1.45
C GLY A 12 -13.61 -1.58 2.60
N ALA A 13 -12.34 -1.95 2.49
CA ALA A 13 -11.37 -1.64 3.53
C ALA A 13 -10.11 -1.00 2.94
N ARG A 14 -9.68 0.10 3.55
CA ARG A 14 -8.48 0.81 3.08
C ARG A 14 -7.22 0.17 3.63
N VAL A 15 -6.49 -0.52 2.77
CA VAL A 15 -5.24 -1.18 3.17
C VAL A 15 -4.03 -0.41 2.66
N CYS A 16 -3.15 -0.02 3.59
CA CYS A 16 -1.95 0.72 3.24
C CYS A 16 -0.71 0.03 3.80
N TYR A 17 0.36 0.01 3.00
CA TYR A 17 1.60 -0.62 3.41
C TYR A 17 2.77 -0.13 2.56
N ARG A 18 3.96 -0.13 3.14
CA ARG A 18 5.16 0.32 2.44
C ARG A 18 5.87 -0.85 1.78
N ARG A 19 6.30 -0.66 0.53
CA ARG A 19 6.99 -1.71 -0.21
C ARG A 19 8.16 -1.12 -0.99
N CYS A 20 9.00 -2.00 -1.52
CA CYS A 20 10.17 -1.58 -2.30
C CYS A 20 10.24 -2.31 -3.63
N ASN A 21 10.65 -1.59 -4.67
CA ASN A 21 10.76 -2.17 -6.01
C ASN A 21 11.99 -3.05 -6.12
N GLY A 1 17.92 1.79 -2.94
CA GLY A 1 16.57 1.35 -3.20
C GLY A 1 15.53 2.33 -2.70
N PHE A 2 14.44 2.47 -3.46
CA PHE A 2 13.36 3.38 -3.08
C PHE A 2 12.12 2.62 -2.64
N CYS A 3 11.41 3.18 -1.68
CA CYS A 3 10.19 2.56 -1.15
C CYS A 3 9.09 3.59 -0.96
N TRP A 4 7.85 3.13 -0.97
CA TRP A 4 6.70 4.01 -0.79
C TRP A 4 5.49 3.23 -0.29
N TYR A 5 4.49 3.95 0.22
CA TYR A 5 3.29 3.33 0.74
C TYR A 5 2.11 3.55 -0.21
N VAL A 6 1.36 2.47 -0.45
CA VAL A 6 0.21 2.53 -1.35
C VAL A 6 -1.06 2.04 -0.66
N CYS A 7 -2.15 2.78 -0.83
CA CYS A 7 -3.42 2.42 -0.21
C CYS A 7 -4.37 1.83 -1.26
N ALA A 8 -5.05 0.75 -0.89
CA ALA A 8 -6.00 0.10 -1.79
C ALA A 8 -7.30 -0.23 -1.07
N ARG A 9 -8.37 -0.41 -1.84
CA ARG A 9 -9.67 -0.73 -1.27
C ARG A 9 -10.05 -2.18 -1.56
N ARG A 10 -10.08 -3.00 -0.52
CA ARG A 10 -10.42 -4.40 -0.66
C ARG A 10 -11.57 -4.79 0.28
N ASN A 11 -12.67 -5.28 -0.30
CA ASN A 11 -13.83 -5.66 0.49
C ASN A 11 -14.31 -4.51 1.37
N GLY A 12 -14.21 -3.30 0.84
CA GLY A 12 -14.64 -2.13 1.59
C GLY A 12 -13.69 -1.78 2.72
N ALA A 13 -12.43 -2.15 2.57
CA ALA A 13 -11.41 -1.88 3.57
C ALA A 13 -10.18 -1.23 2.95
N ARG A 14 -9.70 -0.17 3.58
CA ARG A 14 -8.53 0.55 3.10
C ARG A 14 -7.24 -0.07 3.65
N VAL A 15 -6.47 -0.71 2.78
CA VAL A 15 -5.23 -1.35 3.18
C VAL A 15 -4.03 -0.56 2.67
N CYS A 16 -3.15 -0.15 3.59
CA CYS A 16 -1.96 0.61 3.24
C CYS A 16 -0.71 -0.07 3.78
N TYR A 17 0.35 -0.06 2.98
CA TYR A 17 1.62 -0.67 3.39
C TYR A 17 2.77 -0.16 2.52
N ARG A 18 3.96 -0.14 3.10
CA ARG A 18 5.15 0.33 2.40
C ARG A 18 5.87 -0.83 1.72
N ARG A 19 6.28 -0.62 0.47
CA ARG A 19 6.99 -1.65 -0.28
C ARG A 19 8.15 -1.04 -1.07
N CYS A 20 8.99 -1.91 -1.61
CA CYS A 20 10.15 -1.46 -2.39
C CYS A 20 10.21 -2.19 -3.73
N ASN A 21 10.58 -1.46 -4.78
CA ASN A 21 10.68 -2.04 -6.11
C ASN A 21 11.96 -2.88 -6.25
N GLY A 1 16.80 1.29 -4.52
CA GLY A 1 16.61 1.32 -3.07
C GLY A 1 15.58 2.34 -2.64
N PHE A 2 14.48 2.41 -3.38
CA PHE A 2 13.41 3.35 -3.06
C PHE A 2 12.15 2.63 -2.65
N CYS A 3 11.50 3.11 -1.59
CA CYS A 3 10.29 2.49 -1.08
C CYS A 3 9.20 3.55 -0.87
N TRP A 4 7.94 3.11 -0.88
CA TRP A 4 6.81 4.01 -0.69
C TRP A 4 5.59 3.25 -0.20
N TYR A 5 4.61 3.99 0.32
CA TYR A 5 3.38 3.38 0.82
C TYR A 5 2.22 3.62 -0.13
N VAL A 6 1.44 2.59 -0.39
CA VAL A 6 0.29 2.69 -1.28
C VAL A 6 -0.98 2.20 -0.60
N CYS A 7 -2.06 2.96 -0.78
CA CYS A 7 -3.35 2.60 -0.17
C CYS A 7 -4.30 2.05 -1.22
N ALA A 8 -5.00 0.97 -0.87
CA ALA A 8 -5.95 0.35 -1.79
C ALA A 8 -7.28 0.05 -1.09
N ARG A 9 -8.34 -0.10 -1.87
CA ARG A 9 -9.65 -0.39 -1.32
C ARG A 9 -10.06 -1.84 -1.61
N ARG A 10 -9.83 -2.71 -0.64
CA ARG A 10 -10.18 -4.12 -0.80
C ARG A 10 -11.33 -4.50 0.13
N ASN A 11 -12.38 -5.08 -0.45
CA ASN A 11 -13.54 -5.50 0.32
C ASN A 11 -14.07 -4.34 1.18
N GLY A 12 -14.00 -3.13 0.63
CA GLY A 12 -14.47 -1.97 1.35
C GLY A 12 -13.58 -1.60 2.52
N ALA A 13 -12.30 -1.97 2.41
CA ALA A 13 -11.34 -1.68 3.48
C ALA A 13 -10.09 -1.03 2.91
N ARG A 14 -9.66 0.06 3.53
CA ARG A 14 -8.48 0.79 3.08
C ARG A 14 -7.21 0.14 3.64
N VAL A 15 -6.46 -0.52 2.76
CA VAL A 15 -5.23 -1.19 3.15
C VAL A 15 -4.01 -0.42 2.66
N CYS A 16 -3.14 -0.03 3.59
CA CYS A 16 -1.93 0.71 3.25
C CYS A 16 -0.69 -0.01 3.78
N TYR A 17 0.38 -0.01 2.98
CA TYR A 17 1.62 -0.66 3.37
C TYR A 17 2.78 -0.15 2.53
N ARG A 18 3.98 -0.17 3.10
CA ARG A 18 5.17 0.29 2.40
C ARG A 18 5.88 -0.87 1.71
N ARG A 19 6.30 -0.64 0.47
CA ARG A 19 6.99 -1.67 -0.30
C ARG A 19 8.16 -1.07 -1.07
N CYS A 20 9.00 -1.94 -1.64
CA CYS A 20 10.16 -1.50 -2.40
C CYS A 20 10.21 -2.20 -3.76
N ASN A 21 10.61 -1.45 -4.78
CA ASN A 21 10.72 -2.01 -6.13
C ASN A 21 11.96 -2.87 -6.28
N GLY A 1 17.05 0.45 -1.83
CA GLY A 1 16.59 1.24 -2.95
C GLY A 1 15.52 2.25 -2.55
N PHE A 2 14.50 2.39 -3.39
CA PHE A 2 13.41 3.33 -3.12
C PHE A 2 12.15 2.60 -2.68
N CYS A 3 11.49 3.11 -1.65
CA CYS A 3 10.27 2.51 -1.14
C CYS A 3 9.17 3.56 -0.97
N TRP A 4 7.92 3.09 -0.97
CA TRP A 4 6.78 3.99 -0.83
C TRP A 4 5.56 3.24 -0.32
N TYR A 5 4.57 3.98 0.17
CA TYR A 5 3.35 3.37 0.68
C TYR A 5 2.19 3.58 -0.28
N VAL A 6 1.42 2.52 -0.51
CA VAL A 6 0.28 2.59 -1.41
C VAL A 6 -1.00 2.10 -0.72
N CYS A 7 -2.08 2.85 -0.91
CA CYS A 7 -3.36 2.51 -0.32
C CYS A 7 -4.31 1.92 -1.35
N ALA A 8 -5.01 0.85 -0.98
CA ALA A 8 -5.96 0.20 -1.88
C ALA A 8 -7.26 -0.11 -1.17
N ARG A 9 -8.32 -0.30 -1.95
CA ARG A 9 -9.63 -0.60 -1.39
C ARG A 9 -10.02 -2.05 -1.67
N ARG A 10 -10.07 -2.86 -0.62
CA ARG A 10 -10.43 -4.26 -0.74
C ARG A 10 -11.58 -4.62 0.18
N ASN A 11 -12.68 -5.11 -0.40
CA ASN A 11 -13.84 -5.50 0.38
C ASN A 11 -14.33 -4.33 1.24
N GLY A 12 -14.22 -3.12 0.71
CA GLY A 12 -14.64 -1.94 1.45
C GLY A 12 -13.70 -1.58 2.57
N ALA A 13 -12.43 -1.96 2.43
CA ALA A 13 -11.43 -1.69 3.45
C ALA A 13 -10.19 -1.05 2.82
N ARG A 14 -9.69 0.00 3.46
CA ARG A 14 -8.51 0.70 2.98
C ARG A 14 -7.23 0.08 3.54
N VAL A 15 -6.46 -0.58 2.69
CA VAL A 15 -5.22 -1.21 3.11
C VAL A 15 -4.01 -0.44 2.60
N CYS A 16 -3.15 -0.03 3.53
CA CYS A 16 -1.95 0.73 3.18
C CYS A 16 -0.70 0.05 3.75
N TYR A 17 0.36 0.02 2.95
CA TYR A 17 1.62 -0.60 3.37
C TYR A 17 2.78 -0.09 2.51
N ARG A 18 3.97 -0.08 3.10
CA ARG A 18 5.16 0.37 2.38
C ARG A 18 5.88 -0.81 1.73
N ARG A 19 6.30 -0.62 0.49
CA ARG A 19 7.01 -1.66 -0.25
C ARG A 19 8.18 -1.08 -1.03
N CYS A 20 9.02 -1.95 -1.57
CA CYS A 20 10.18 -1.52 -2.34
C CYS A 20 10.26 -2.27 -3.66
N ASN A 21 10.65 -1.56 -4.72
CA ASN A 21 10.76 -2.15 -6.05
C ASN A 21 12.01 -3.01 -6.16
N GLY A 1 17.12 0.93 -1.34
CA GLY A 1 16.44 1.33 -2.56
C GLY A 1 15.30 2.30 -2.30
N PHE A 2 14.45 2.50 -3.31
CA PHE A 2 13.32 3.41 -3.18
C PHE A 2 12.07 2.66 -2.75
N CYS A 3 11.44 3.14 -1.67
CA CYS A 3 10.23 2.52 -1.16
C CYS A 3 9.13 3.57 -0.93
N TRP A 4 7.89 3.11 -0.91
CA TRP A 4 6.75 4.01 -0.72
C TRP A 4 5.54 3.24 -0.20
N TYR A 5 4.56 3.96 0.34
CA TYR A 5 3.35 3.35 0.86
C TYR A 5 2.17 3.58 -0.08
N VAL A 6 1.40 2.53 -0.32
CA VAL A 6 0.23 2.61 -1.19
C VAL A 6 -1.02 2.13 -0.49
N CYS A 7 -2.11 2.87 -0.63
CA CYS A 7 -3.38 2.50 -0.01
C CYS A 7 -4.35 1.95 -1.05
N ALA A 8 -5.04 0.87 -0.69
CA ALA A 8 -6.00 0.24 -1.59
C ALA A 8 -7.30 -0.10 -0.85
N ARG A 9 -8.37 -0.26 -1.60
CA ARG A 9 -9.67 -0.58 -1.03
C ARG A 9 -10.06 -2.03 -1.33
N ARG A 10 -10.08 -2.87 -0.30
CA ARG A 10 -10.43 -4.27 -0.46
C ARG A 10 -11.56 -4.66 0.48
N ASN A 11 -12.66 -5.16 -0.08
CA ASN A 11 -13.80 -5.57 0.72
C ASN A 11 -14.28 -4.43 1.62
N GLY A 12 -14.19 -3.21 1.11
CA GLY A 12 -14.61 -2.05 1.88
C GLY A 12 -13.65 -1.72 3.00
N ALA A 13 -12.39 -2.08 2.82
CA ALA A 13 -11.37 -1.82 3.83
C ALA A 13 -10.14 -1.17 3.21
N ARG A 14 -9.64 -0.12 3.84
CA ARG A 14 -8.46 0.60 3.34
C ARG A 14 -7.18 -0.04 3.87
N VAL A 15 -6.42 -0.65 2.98
CA VAL A 15 -5.16 -1.30 3.35
C VAL A 15 -3.97 -0.52 2.84
N CYS A 16 -3.09 -0.12 3.76
CA CYS A 16 -1.90 0.64 3.40
C CYS A 16 -0.63 -0.05 3.92
N TYR A 17 0.41 -0.05 3.10
CA TYR A 17 1.67 -0.69 3.47
C TYR A 17 2.81 -0.16 2.60
N ARG A 18 4.02 -0.18 3.15
CA ARG A 18 5.20 0.29 2.44
C ARG A 18 5.91 -0.86 1.74
N ARG A 19 6.31 -0.64 0.48
CA ARG A 19 6.98 -1.66 -0.29
C ARG A 19 8.14 -1.06 -1.09
N CYS A 20 8.97 -1.92 -1.66
CA CYS A 20 10.11 -1.48 -2.45
C CYS A 20 10.16 -2.18 -3.80
N ASN A 21 10.53 -1.44 -4.84
CA ASN A 21 10.62 -2.00 -6.19
C ASN A 21 11.86 -2.88 -6.34
N GLY A 1 16.90 0.79 -2.06
CA GLY A 1 16.79 1.71 -3.17
C GLY A 1 15.72 2.76 -2.94
N PHE A 2 14.47 2.38 -3.17
CA PHE A 2 13.35 3.30 -3.00
C PHE A 2 12.09 2.54 -2.57
N CYS A 3 11.37 3.09 -1.59
CA CYS A 3 10.16 2.47 -1.09
C CYS A 3 9.07 3.51 -0.87
N TRP A 4 7.82 3.07 -0.87
CA TRP A 4 6.69 3.96 -0.66
C TRP A 4 5.46 3.19 -0.17
N TYR A 5 4.49 3.91 0.36
CA TYR A 5 3.27 3.30 0.87
C TYR A 5 2.10 3.55 -0.08
N VAL A 6 1.32 2.52 -0.34
CA VAL A 6 0.17 2.62 -1.23
C VAL A 6 -1.10 2.12 -0.54
N CYS A 7 -2.19 2.87 -0.70
CA CYS A 7 -3.47 2.50 -0.10
C CYS A 7 -4.42 1.95 -1.15
N ALA A 8 -5.12 0.87 -0.81
CA ALA A 8 -6.07 0.25 -1.72
C ALA A 8 -7.38 -0.05 -1.01
N ARG A 9 -8.45 -0.22 -1.79
CA ARG A 9 -9.76 -0.51 -1.24
C ARG A 9 -10.17 -1.95 -1.55
N ARG A 10 -9.95 -2.84 -0.58
CA ARG A 10 -10.29 -4.24 -0.74
C ARG A 10 -11.43 -4.64 0.19
N ASN A 11 -12.48 -5.22 -0.38
CA ASN A 11 -13.64 -5.65 0.40
C ASN A 11 -14.16 -4.51 1.27
N GLY A 12 -14.10 -3.29 0.74
CA GLY A 12 -14.57 -2.13 1.48
C GLY A 12 -13.67 -1.78 2.64
N ALA A 13 -12.39 -2.14 2.52
CA ALA A 13 -11.42 -1.85 3.57
C ALA A 13 -10.17 -1.18 3.00
N ARG A 14 -9.74 -0.10 3.63
CA ARG A 14 -8.57 0.63 3.17
C ARG A 14 -7.29 -0.02 3.71
N VAL A 15 -6.54 -0.66 2.82
CA VAL A 15 -5.30 -1.32 3.20
C VAL A 15 -4.10 -0.55 2.71
N CYS A 16 -3.22 -0.17 3.63
CA CYS A 16 -2.02 0.58 3.30
C CYS A 16 -0.77 -0.13 3.82
N TYR A 17 0.28 -0.13 3.00
CA TYR A 17 1.54 -0.78 3.37
C TYR A 17 2.70 -0.25 2.53
N ARG A 18 3.89 -0.27 3.10
CA ARG A 18 5.09 0.21 2.40
C ARG A 18 5.79 -0.94 1.69
N ARG A 19 6.20 -0.71 0.45
CA ARG A 19 6.90 -1.72 -0.33
C ARG A 19 8.06 -1.10 -1.11
N CYS A 20 8.89 -1.96 -1.68
CA CYS A 20 10.05 -1.51 -2.45
C CYS A 20 10.10 -2.20 -3.81
N ASN A 21 10.50 -1.44 -4.83
CA ASN A 21 10.60 -1.98 -6.19
C ASN A 21 11.83 -2.86 -6.34
N GLY A 1 15.80 -0.34 -2.36
CA GLY A 1 16.15 1.05 -2.53
C GLY A 1 14.99 1.98 -2.23
N PHE A 2 14.41 2.56 -3.27
CA PHE A 2 13.29 3.48 -3.11
C PHE A 2 12.03 2.73 -2.69
N CYS A 3 11.39 3.20 -1.62
CA CYS A 3 10.18 2.57 -1.11
C CYS A 3 9.08 3.61 -0.90
N TRP A 4 7.83 3.16 -0.90
CA TRP A 4 6.69 4.05 -0.71
C TRP A 4 5.47 3.27 -0.21
N TYR A 5 4.49 3.99 0.31
CA TYR A 5 3.28 3.37 0.82
C TYR A 5 2.11 3.62 -0.12
N VAL A 6 1.34 2.56 -0.38
CA VAL A 6 0.18 2.66 -1.27
C VAL A 6 -1.08 2.15 -0.58
N CYS A 7 -2.18 2.89 -0.75
CA CYS A 7 -3.45 2.52 -0.14
C CYS A 7 -4.41 1.96 -1.19
N ALA A 8 -5.09 0.87 -0.84
CA ALA A 8 -6.04 0.24 -1.74
C ALA A 8 -7.36 -0.06 -1.04
N ARG A 9 -8.42 -0.23 -1.82
CA ARG A 9 -9.74 -0.53 -1.27
C ARG A 9 -10.13 -1.97 -1.56
N ARG A 10 -9.91 -2.85 -0.59
CA ARG A 10 -10.24 -4.26 -0.73
C ARG A 10 -11.36 -4.66 0.22
N ASN A 11 -12.42 -5.26 -0.33
CA ASN A 11 -13.55 -5.68 0.48
C ASN A 11 -14.07 -4.54 1.34
N GLY A 12 -14.05 -3.33 0.78
CA GLY A 12 -14.53 -2.17 1.51
C GLY A 12 -13.62 -1.80 2.67
N ALA A 13 -12.34 -2.15 2.54
CA ALA A 13 -11.37 -1.85 3.59
C ALA A 13 -10.13 -1.18 3.01
N ARG A 14 -9.71 -0.08 3.62
CA ARG A 14 -8.54 0.65 3.16
C ARG A 14 -7.26 0.01 3.69
N VAL A 15 -6.51 -0.65 2.80
CA VAL A 15 -5.28 -1.31 3.19
C VAL A 15 -4.07 -0.52 2.70
N CYS A 16 -3.19 -0.14 3.62
CA CYS A 16 -1.99 0.62 3.29
C CYS A 16 -0.74 -0.08 3.80
N TYR A 17 0.31 -0.07 3.00
CA TYR A 17 1.57 -0.70 3.37
C TYR A 17 2.73 -0.17 2.52
N ARG A 18 3.92 -0.18 3.09
CA ARG A 18 5.11 0.30 2.39
C ARG A 18 5.83 -0.85 1.69
N ARG A 19 6.23 -0.62 0.45
CA ARG A 19 6.93 -1.63 -0.34
C ARG A 19 8.09 -1.02 -1.11
N CYS A 20 8.94 -1.87 -1.67
CA CYS A 20 10.09 -1.41 -2.44
C CYS A 20 10.15 -2.10 -3.80
N ASN A 21 10.53 -1.36 -4.82
CA ASN A 21 10.63 -1.90 -6.18
C ASN A 21 11.89 -2.74 -6.34
N GLY A 1 17.53 2.01 -1.05
CA GLY A 1 16.91 1.97 -2.37
C GLY A 1 15.77 2.96 -2.49
N PHE A 2 14.58 2.45 -2.82
CA PHE A 2 13.40 3.30 -2.98
C PHE A 2 12.15 2.55 -2.56
N CYS A 3 11.45 3.09 -1.57
CA CYS A 3 10.22 2.49 -1.07
C CYS A 3 9.12 3.53 -0.89
N TRP A 4 7.88 3.08 -0.91
CA TRP A 4 6.74 3.98 -0.74
C TRP A 4 5.50 3.22 -0.26
N TYR A 5 4.52 3.96 0.24
CA TYR A 5 3.29 3.35 0.74
C TYR A 5 2.13 3.58 -0.24
N VAL A 6 1.36 2.53 -0.48
CA VAL A 6 0.23 2.61 -1.38
C VAL A 6 -1.06 2.12 -0.72
N CYS A 7 -2.13 2.86 -0.91
CA CYS A 7 -3.43 2.51 -0.32
C CYS A 7 -4.37 1.93 -1.38
N ALA A 8 -5.06 0.86 -1.02
CA ALA A 8 -6.00 0.21 -1.94
C ALA A 8 -7.32 -0.08 -1.24
N ARG A 9 -8.37 -0.26 -2.03
CA ARG A 9 -9.70 -0.56 -1.50
C ARG A 9 -10.09 -2.00 -1.78
N ARG A 10 -9.90 -2.86 -0.79
CA ARG A 10 -10.23 -4.27 -0.92
C ARG A 10 -11.38 -4.66 -0.01
N ASN A 11 -12.43 -5.22 -0.59
CA ASN A 11 -13.60 -5.63 0.17
C ASN A 11 -14.13 -4.48 1.02
N GLY A 12 -14.07 -3.27 0.46
CA GLY A 12 -14.55 -2.10 1.17
C GLY A 12 -13.66 -1.73 2.34
N ALA A 13 -12.38 -2.09 2.24
CA ALA A 13 -11.42 -1.79 3.30
C ALA A 13 -10.17 -1.13 2.74
N ARG A 14 -9.75 -0.03 3.35
CA ARG A 14 -8.57 0.69 2.91
C ARG A 14 -7.30 0.07 3.47
N VAL A 15 -6.54 -0.61 2.61
CA VAL A 15 -5.31 -1.26 3.03
C VAL A 15 -4.09 -0.48 2.54
N CYS A 16 -3.24 -0.08 3.48
CA CYS A 16 -2.03 0.67 3.16
C CYS A 16 -0.79 -0.03 3.71
N TYR A 17 0.27 -0.03 2.91
CA TYR A 17 1.53 -0.67 3.32
C TYR A 17 2.69 -0.15 2.48
N ARG A 18 3.88 -0.17 3.07
CA ARG A 18 5.08 0.29 2.38
C ARG A 18 5.82 -0.87 1.71
N ARG A 19 6.24 -0.66 0.47
CA ARG A 19 6.95 -1.69 -0.27
C ARG A 19 8.12 -1.09 -1.05
N CYS A 20 8.97 -1.97 -1.58
CA CYS A 20 10.13 -1.52 -2.34
C CYS A 20 10.21 -2.24 -3.68
N ASN A 21 10.62 -1.51 -4.71
CA ASN A 21 10.73 -2.08 -6.06
C ASN A 21 11.99 -2.93 -6.18
N GLY A 1 18.05 1.93 -3.01
CA GLY A 1 16.70 1.41 -3.10
C GLY A 1 15.65 2.46 -2.76
N PHE A 2 14.48 2.32 -3.36
CA PHE A 2 13.38 3.26 -3.12
C PHE A 2 12.12 2.52 -2.67
N CYS A 3 11.45 3.08 -1.66
CA CYS A 3 10.23 2.49 -1.13
C CYS A 3 9.13 3.54 -0.98
N TRP A 4 7.89 3.08 -0.97
CA TRP A 4 6.75 3.98 -0.82
C TRP A 4 5.53 3.23 -0.30
N TYR A 5 4.54 3.97 0.17
CA TYR A 5 3.32 3.38 0.70
C TYR A 5 2.15 3.57 -0.26
N VAL A 6 1.38 2.51 -0.46
CA VAL A 6 0.24 2.56 -1.37
C VAL A 6 -1.03 2.09 -0.67
N CYS A 7 -2.12 2.82 -0.87
CA CYS A 7 -3.40 2.48 -0.26
C CYS A 7 -4.35 1.87 -1.29
N ALA A 8 -5.04 0.82 -0.90
CA ALA A 8 -5.97 0.13 -1.78
C ALA A 8 -7.30 -0.14 -1.07
N ARG A 9 -8.36 -0.35 -1.85
CA ARG A 9 -9.67 -0.62 -1.28
C ARG A 9 -10.07 -2.08 -1.51
N ARG A 10 -9.87 -2.91 -0.50
CA ARG A 10 -10.20 -4.33 -0.59
C ARG A 10 -11.35 -4.67 0.34
N ASN A 11 -12.40 -5.26 -0.21
CA ASN A 11 -13.57 -5.64 0.57
C ASN A 11 -14.10 -4.46 1.38
N GLY A 12 -14.03 -3.27 0.78
CA GLY A 12 -14.51 -2.08 1.45
C GLY A 12 -13.61 -1.66 2.60
N ALA A 13 -12.34 -2.02 2.51
CA ALA A 13 -11.37 -1.68 3.56
C ALA A 13 -10.13 -1.04 2.95
N ARG A 14 -9.69 0.07 3.55
CA ARG A 14 -8.51 0.78 3.07
C ARG A 14 -7.24 0.18 3.65
N VAL A 15 -6.49 -0.53 2.80
CA VAL A 15 -5.25 -1.16 3.23
C VAL A 15 -4.03 -0.41 2.70
N CYS A 16 -3.17 0.02 3.62
CA CYS A 16 -1.97 0.77 3.25
C CYS A 16 -0.73 0.09 3.81
N TYR A 17 0.34 0.06 3.02
CA TYR A 17 1.59 -0.55 3.44
C TYR A 17 2.75 -0.07 2.57
N ARG A 18 3.95 -0.04 3.16
CA ARG A 18 5.14 0.40 2.44
C ARG A 18 5.86 -0.78 1.80
N ARG A 19 6.28 -0.61 0.55
CA ARG A 19 6.99 -1.67 -0.16
C ARG A 19 8.16 -1.09 -0.96
N CYS A 20 9.00 -1.98 -1.48
CA CYS A 20 10.16 -1.57 -2.25
C CYS A 20 10.23 -2.33 -3.57
N ASN A 21 10.62 -1.64 -4.64
CA ASN A 21 10.72 -2.25 -5.95
C ASN A 21 11.98 -3.12 -6.05
N GLY A 1 17.46 2.11 -4.85
CA GLY A 1 16.69 1.71 -3.69
C GLY A 1 15.67 2.76 -3.28
N PHE A 2 14.39 2.41 -3.36
CA PHE A 2 13.33 3.33 -2.99
C PHE A 2 12.07 2.58 -2.57
N CYS A 3 11.39 3.09 -1.55
CA CYS A 3 10.17 2.46 -1.06
C CYS A 3 9.09 3.50 -0.79
N TRP A 4 7.84 3.06 -0.81
CA TRP A 4 6.71 3.95 -0.57
C TRP A 4 5.49 3.18 -0.09
N TYR A 5 4.51 3.90 0.47
CA TYR A 5 3.29 3.27 0.96
C TYR A 5 2.12 3.56 0.03
N VAL A 6 1.34 2.54 -0.26
CA VAL A 6 0.18 2.67 -1.14
C VAL A 6 -1.09 2.16 -0.45
N CYS A 7 -2.17 2.92 -0.59
CA CYS A 7 -3.45 2.55 0.01
C CYS A 7 -4.42 2.04 -1.04
N ALA A 8 -5.11 0.96 -0.72
CA ALA A 8 -6.08 0.36 -1.65
C ALA A 8 -7.40 0.05 -0.94
N ARG A 9 -8.47 -0.07 -1.72
CA ARG A 9 -9.78 -0.38 -1.17
C ARG A 9 -10.19 -1.80 -1.51
N ARG A 10 -9.98 -2.72 -0.57
CA ARG A 10 -10.33 -4.11 -0.77
C ARG A 10 -11.47 -4.53 0.16
N ASN A 11 -12.53 -5.07 -0.43
CA ASN A 11 -13.69 -5.51 0.34
C ASN A 11 -14.19 -4.39 1.25
N GLY A 12 -14.14 -3.16 0.74
CA GLY A 12 -14.59 -2.02 1.52
C GLY A 12 -13.67 -1.70 2.69
N ALA A 13 -12.40 -2.07 2.54
CA ALA A 13 -11.42 -1.82 3.59
C ALA A 13 -10.18 -1.14 3.03
N ARG A 14 -9.71 -0.10 3.70
CA ARG A 14 -8.53 0.63 3.27
C ARG A 14 -7.26 -0.03 3.78
N VAL A 15 -6.53 -0.68 2.87
CA VAL A 15 -5.29 -1.35 3.22
C VAL A 15 -4.07 -0.57 2.75
N CYS A 16 -3.20 -0.23 3.68
CA CYS A 16 -1.99 0.53 3.35
C CYS A 16 -0.74 -0.20 3.84
N TYR A 17 0.31 -0.18 3.03
CA TYR A 17 1.56 -0.85 3.37
C TYR A 17 2.71 -0.31 2.54
N ARG A 18 3.91 -0.36 3.09
CA ARG A 18 5.10 0.14 2.40
C ARG A 18 5.80 -1.00 1.65
N ARG A 19 6.20 -0.73 0.42
CA ARG A 19 6.88 -1.72 -0.40
C ARG A 19 8.04 -1.10 -1.16
N CYS A 20 8.87 -1.96 -1.77
CA CYS A 20 10.01 -1.48 -2.53
C CYS A 20 10.06 -2.13 -3.91
N ASN A 21 10.43 -1.35 -4.92
CA ASN A 21 10.51 -1.85 -6.29
C ASN A 21 11.76 -2.70 -6.49
N GLY A 1 17.38 1.84 -3.35
CA GLY A 1 16.50 1.54 -2.23
C GLY A 1 15.34 2.51 -2.13
N PHE A 2 14.41 2.42 -3.06
CA PHE A 2 13.24 3.30 -3.07
C PHE A 2 11.99 2.56 -2.63
N CYS A 3 11.31 3.10 -1.62
CA CYS A 3 10.09 2.49 -1.11
C CYS A 3 8.99 3.52 -0.94
N TRP A 4 7.74 3.06 -0.95
CA TRP A 4 6.60 3.94 -0.80
C TRP A 4 5.37 3.17 -0.30
N TYR A 5 4.37 3.91 0.19
CA TYR A 5 3.16 3.30 0.70
C TYR A 5 2.00 3.50 -0.26
N VAL A 6 1.23 2.42 -0.48
CA VAL A 6 0.09 2.48 -1.39
C VAL A 6 -1.17 1.99 -0.70
N CYS A 7 -2.27 2.71 -0.92
CA CYS A 7 -3.55 2.35 -0.31
C CYS A 7 -4.49 1.74 -1.35
N ALA A 8 -5.18 0.67 -0.96
CA ALA A 8 -6.10 0.00 -1.86
C ALA A 8 -7.42 -0.29 -1.15
N ARG A 9 -8.48 -0.50 -1.94
CA ARG A 9 -9.80 -0.79 -1.39
C ARG A 9 -10.18 -2.25 -1.63
N ARG A 10 -9.97 -3.09 -0.63
CA ARG A 10 -10.29 -4.51 -0.73
C ARG A 10 -11.43 -4.88 0.20
N ASN A 11 -12.48 -5.47 -0.35
CA ASN A 11 -13.64 -5.87 0.44
C ASN A 11 -14.17 -4.70 1.26
N GLY A 12 -14.13 -3.51 0.68
CA GLY A 12 -14.61 -2.33 1.37
C GLY A 12 -13.71 -1.92 2.52
N ALA A 13 -12.44 -2.27 2.43
CA ALA A 13 -11.47 -1.95 3.47
C ALA A 13 -10.23 -1.29 2.89
N ARG A 14 -9.84 -0.16 3.46
CA ARG A 14 -8.67 0.57 2.99
C ARG A 14 -7.38 -0.03 3.56
N VAL A 15 -6.63 -0.73 2.72
CA VAL A 15 -5.38 -1.35 3.14
C VAL A 15 -4.17 -0.57 2.62
N CYS A 16 -3.32 -0.15 3.55
CA CYS A 16 -2.12 0.61 3.20
C CYS A 16 -0.87 -0.06 3.76
N TYR A 17 0.20 -0.07 2.97
CA TYR A 17 1.45 -0.68 3.39
C TYR A 17 2.61 -0.17 2.53
N ARG A 18 3.80 -0.15 3.12
CA ARG A 18 4.99 0.31 2.42
C ARG A 18 5.73 -0.85 1.78
N ARG A 19 6.15 -0.67 0.53
CA ARG A 19 6.86 -1.71 -0.19
C ARG A 19 8.03 -1.12 -0.98
N CYS A 20 8.89 -1.99 -1.50
CA CYS A 20 10.05 -1.56 -2.28
C CYS A 20 10.13 -2.31 -3.60
N ASN A 21 10.52 -1.60 -4.66
CA ASN A 21 10.64 -2.20 -5.98
C ASN A 21 11.90 -3.04 -6.08
N GLY A 1 18.22 2.60 -2.40
CA GLY A 1 16.91 1.96 -2.39
C GLY A 1 15.78 2.96 -2.49
N PHE A 2 14.59 2.46 -2.84
CA PHE A 2 13.42 3.31 -2.98
C PHE A 2 12.15 2.57 -2.58
N CYS A 3 11.47 3.09 -1.55
CA CYS A 3 10.25 2.47 -1.06
C CYS A 3 9.16 3.51 -0.86
N TRP A 4 7.90 3.06 -0.87
CA TRP A 4 6.77 3.96 -0.69
C TRP A 4 5.55 3.20 -0.21
N TYR A 5 4.56 3.93 0.31
CA TYR A 5 3.33 3.32 0.80
C TYR A 5 2.18 3.57 -0.16
N VAL A 6 1.40 2.53 -0.43
CA VAL A 6 0.25 2.63 -1.33
C VAL A 6 -1.02 2.14 -0.66
N CYS A 7 -2.10 2.89 -0.83
CA CYS A 7 -3.39 2.53 -0.25
C CYS A 7 -4.34 1.98 -1.31
N ALA A 8 -5.04 0.90 -0.97
CA ALA A 8 -5.99 0.28 -1.88
C ALA A 8 -7.31 -0.02 -1.19
N ARG A 9 -8.36 -0.17 -1.99
CA ARG A 9 -9.69 -0.46 -1.46
C ARG A 9 -10.10 -1.90 -1.77
N ARG A 10 -9.90 -2.79 -0.79
CA ARG A 10 -10.25 -4.20 -0.97
C ARG A 10 -11.39 -4.59 -0.04
N ASN A 11 -12.45 -5.15 -0.61
CA ASN A 11 -13.61 -5.57 0.16
C ASN A 11 -14.14 -4.42 1.01
N GLY A 12 -14.08 -3.21 0.48
CA GLY A 12 -14.55 -2.05 1.21
C GLY A 12 -13.65 -1.70 2.38
N ALA A 13 -12.38 -2.06 2.28
CA ALA A 13 -11.41 -1.78 3.33
C ALA A 13 -10.15 -1.11 2.77
N ARG A 14 -9.72 -0.04 3.41
CA ARG A 14 -8.54 0.69 2.98
C ARG A 14 -7.26 0.04 3.52
N VAL A 15 -6.52 -0.62 2.65
CA VAL A 15 -5.28 -1.29 3.05
C VAL A 15 -4.07 -0.51 2.57
N CYS A 16 -3.20 -0.14 3.51
CA CYS A 16 -1.99 0.61 3.19
C CYS A 16 -0.75 -0.10 3.72
N TYR A 17 0.31 -0.09 2.92
CA TYR A 17 1.56 -0.74 3.31
C TYR A 17 2.73 -0.22 2.48
N ARG A 18 3.92 -0.25 3.06
CA ARG A 18 5.12 0.23 2.38
C ARG A 18 5.83 -0.93 1.68
N ARG A 19 6.26 -0.69 0.44
CA ARG A 19 6.96 -1.72 -0.32
C ARG A 19 8.14 -1.11 -1.09
N CYS A 20 8.98 -1.97 -1.65
CA CYS A 20 10.14 -1.52 -2.40
C CYS A 20 10.21 -2.21 -3.76
N ASN A 21 10.62 -1.46 -4.78
CA ASN A 21 10.73 -2.00 -6.13
C ASN A 21 11.97 -2.88 -6.26
N GLY A 1 17.60 2.07 -2.01
CA GLY A 1 16.68 2.01 -3.13
C GLY A 1 15.58 3.04 -3.03
N PHE A 2 14.34 2.59 -3.17
CA PHE A 2 13.18 3.49 -3.11
C PHE A 2 11.93 2.74 -2.69
N CYS A 3 11.31 3.20 -1.61
CA CYS A 3 10.09 2.57 -1.10
C CYS A 3 8.99 3.61 -0.88
N TRP A 4 7.75 3.15 -0.89
CA TRP A 4 6.60 4.04 -0.68
C TRP A 4 5.39 3.26 -0.20
N TYR A 5 4.40 3.97 0.34
CA TYR A 5 3.19 3.35 0.85
C TYR A 5 2.01 3.59 -0.10
N VAL A 6 1.24 2.54 -0.36
CA VAL A 6 0.10 2.63 -1.24
C VAL A 6 -1.17 2.13 -0.56
N CYS A 7 -2.26 2.86 -0.72
CA CYS A 7 -3.54 2.48 -0.12
C CYS A 7 -4.50 1.93 -1.17
N ALA A 8 -5.18 0.84 -0.82
CA ALA A 8 -6.13 0.21 -1.73
C ALA A 8 -7.45 -0.09 -1.02
N ARG A 9 -8.51 -0.26 -1.80
CA ARG A 9 -9.83 -0.56 -1.25
C ARG A 9 -10.23 -2.00 -1.54
N ARG A 10 -10.03 -2.87 -0.56
CA ARG A 10 -10.36 -4.29 -0.72
C ARG A 10 -11.47 -4.68 0.25
N ASN A 11 -12.53 -5.28 -0.28
CA ASN A 11 -13.66 -5.72 0.53
C ASN A 11 -14.17 -4.57 1.40
N GLY A 12 -14.16 -3.36 0.85
CA GLY A 12 -14.62 -2.20 1.59
C GLY A 12 -13.71 -1.84 2.74
N ALA A 13 -12.43 -2.19 2.60
CA ALA A 13 -11.44 -1.89 3.64
C ALA A 13 -10.21 -1.23 3.05
N ARG A 14 -9.78 -0.13 3.66
CA ARG A 14 -8.61 0.60 3.19
C ARG A 14 -7.33 -0.03 3.72
N VAL A 15 -6.59 -0.70 2.83
CA VAL A 15 -5.35 -1.36 3.19
C VAL A 15 -4.15 -0.56 2.70
N CYS A 16 -3.27 -0.18 3.64
CA CYS A 16 -2.07 0.58 3.30
C CYS A 16 -0.82 -0.12 3.81
N TYR A 17 0.24 -0.11 3.00
CA TYR A 17 1.49 -0.74 3.37
C TYR A 17 2.64 -0.20 2.52
N ARG A 18 3.84 -0.21 3.10
CA ARG A 18 5.03 0.28 2.40
C ARG A 18 5.75 -0.87 1.70
N ARG A 19 6.16 -0.63 0.46
CA ARG A 19 6.86 -1.65 -0.33
C ARG A 19 8.02 -1.03 -1.10
N CYS A 20 8.86 -1.87 -1.67
CA CYS A 20 10.02 -1.42 -2.44
C CYS A 20 10.08 -2.11 -3.79
N ASN A 21 10.46 -1.35 -4.82
CA ASN A 21 10.57 -1.89 -6.17
C ASN A 21 11.82 -2.74 -6.32
N GLY A 1 17.00 1.47 -3.67
CA GLY A 1 16.22 1.04 -2.53
C GLY A 1 15.06 1.98 -2.22
N PHE A 2 14.41 2.46 -3.28
CA PHE A 2 13.29 3.38 -3.11
C PHE A 2 12.04 2.64 -2.66
N CYS A 3 11.35 3.20 -1.66
CA CYS A 3 10.14 2.59 -1.14
C CYS A 3 9.03 3.62 -1.00
N TRP A 4 7.78 3.14 -0.98
CA TRP A 4 6.63 4.02 -0.86
C TRP A 4 5.42 3.26 -0.33
N TYR A 5 4.42 3.99 0.14
CA TYR A 5 3.20 3.39 0.67
C TYR A 5 2.04 3.56 -0.30
N VAL A 6 1.29 2.48 -0.50
CA VAL A 6 0.14 2.50 -1.40
C VAL A 6 -1.12 2.02 -0.70
N CYS A 7 -2.22 2.73 -0.92
CA CYS A 7 -3.50 2.38 -0.31
C CYS A 7 -4.43 1.73 -1.33
N ALA A 8 -5.12 0.68 -0.92
CA ALA A 8 -6.04 -0.03 -1.79
C ALA A 8 -7.36 -0.32 -1.08
N ARG A 9 -8.42 -0.55 -1.86
CA ARG A 9 -9.73 -0.85 -1.30
C ARG A 9 -10.10 -2.31 -1.51
N ARG A 10 -9.86 -3.13 -0.49
CA ARG A 10 -10.17 -4.55 -0.56
C ARG A 10 -11.33 -4.91 0.37
N ASN A 11 -12.37 -5.51 -0.20
CA ASN A 11 -13.55 -5.90 0.58
C ASN A 11 -14.10 -4.71 1.37
N GLY A 12 -14.04 -3.53 0.75
CA GLY A 12 -14.53 -2.34 1.41
C GLY A 12 -13.66 -1.89 2.56
N ALA A 13 -12.37 -2.23 2.48
CA ALA A 13 -11.42 -1.86 3.52
C ALA A 13 -10.18 -1.21 2.92
N ARG A 14 -9.77 -0.09 3.50
CA ARG A 14 -8.60 0.64 3.03
C ARG A 14 -7.32 0.06 3.62
N VAL A 15 -6.55 -0.64 2.79
CA VAL A 15 -5.30 -1.24 3.24
C VAL A 15 -4.09 -0.47 2.71
N CYS A 16 -3.24 -0.02 3.61
CA CYS A 16 -2.05 0.74 3.23
C CYS A 16 -0.79 0.09 3.82
N TYR A 17 0.26 0.07 3.02
CA TYR A 17 1.53 -0.53 3.45
C TYR A 17 2.69 -0.04 2.58
N ARG A 18 3.88 0.01 3.17
CA ARG A 18 5.06 0.47 2.46
C ARG A 18 5.81 -0.72 1.84
N ARG A 19 6.23 -0.55 0.58
CA ARG A 19 6.95 -1.61 -0.13
C ARG A 19 8.11 -1.03 -0.92
N CYS A 20 8.97 -1.90 -1.42
CA CYS A 20 10.13 -1.49 -2.21
C CYS A 20 10.20 -2.26 -3.52
N ASN A 21 10.60 -1.57 -4.58
CA ASN A 21 10.72 -2.21 -5.90
C ASN A 21 11.99 -3.06 -5.97
N GLY A 1 17.45 1.03 -1.86
CA GLY A 1 16.48 1.28 -2.92
C GLY A 1 15.40 2.26 -2.50
N PHE A 2 14.44 2.48 -3.38
CA PHE A 2 13.34 3.41 -3.09
C PHE A 2 12.08 2.65 -2.69
N CYS A 3 11.45 3.12 -1.62
CA CYS A 3 10.22 2.48 -1.13
C CYS A 3 9.14 3.52 -0.87
N TRP A 4 7.89 3.08 -0.88
CA TRP A 4 6.76 3.97 -0.65
C TRP A 4 5.54 3.19 -0.18
N TYR A 5 4.56 3.90 0.38
CA TYR A 5 3.34 3.27 0.87
C TYR A 5 2.17 3.56 -0.06
N VAL A 6 1.39 2.52 -0.35
CA VAL A 6 0.23 2.66 -1.23
C VAL A 6 -1.04 2.14 -0.55
N CYS A 7 -2.12 2.89 -0.69
CA CYS A 7 -3.40 2.51 -0.10
C CYS A 7 -4.36 1.99 -1.15
N ALA A 8 -5.07 0.91 -0.83
CA ALA A 8 -6.02 0.31 -1.75
C ALA A 8 -7.33 -0.01 -1.05
N ARG A 9 -8.40 -0.15 -1.84
CA ARG A 9 -9.72 -0.46 -1.29
C ARG A 9 -10.12 -1.89 -1.63
N ARG A 10 -9.89 -2.80 -0.69
CA ARG A 10 -10.24 -4.20 -0.89
C ARG A 10 -11.38 -4.63 0.04
N ASN A 11 -12.44 -5.15 -0.55
CA ASN A 11 -13.60 -5.60 0.22
C ASN A 11 -14.11 -4.48 1.13
N GLY A 12 -14.05 -3.25 0.63
CA GLY A 12 -14.52 -2.11 1.41
C GLY A 12 -13.60 -1.79 2.57
N ALA A 13 -12.33 -2.16 2.43
CA ALA A 13 -11.35 -1.91 3.49
C ALA A 13 -10.10 -1.23 2.93
N ARG A 14 -9.67 -0.16 3.60
CA ARG A 14 -8.49 0.57 3.16
C ARG A 14 -7.21 -0.09 3.68
N VAL A 15 -6.48 -0.72 2.77
CA VAL A 15 -5.24 -1.40 3.13
C VAL A 15 -4.02 -0.60 2.65
N CYS A 16 -3.14 -0.26 3.59
CA CYS A 16 -1.95 0.50 3.26
C CYS A 16 -0.69 -0.22 3.75
N TYR A 17 0.36 -0.20 2.94
CA TYR A 17 1.61 -0.85 3.29
C TYR A 17 2.77 -0.30 2.46
N ARG A 18 3.97 -0.35 3.02
CA ARG A 18 5.15 0.15 2.33
C ARG A 18 5.86 -0.99 1.59
N ARG A 19 6.26 -0.72 0.35
CA ARG A 19 6.94 -1.72 -0.46
C ARG A 19 8.11 -1.09 -1.22
N CYS A 20 8.94 -1.93 -1.82
CA CYS A 20 10.10 -1.46 -2.57
C CYS A 20 10.15 -2.11 -3.96
N ASN A 21 10.54 -1.33 -4.96
CA ASN A 21 10.62 -1.84 -6.33
C ASN A 21 11.87 -2.69 -6.51
#